data_6VEA
#
_entry.id   6VEA
#
_cell.length_a   47.389
_cell.length_b   64.370
_cell.length_c   75.933
_cell.angle_alpha   90.000
_cell.angle_beta   90.000
_cell.angle_gamma   90.000
#
_symmetry.space_group_name_H-M   'P 21 21 21'
#
loop_
_entity.id
_entity.type
_entity.pdbx_description
1 polymer 'Glutamate receptor 3.2'
2 non-polymer GLYCINE
3 non-polymer 'SODIUM ION'
4 non-polymer BETA-MERCAPTOETHANOL
5 water water
#
_entity_poly.entity_id   1
_entity_poly.type   'polypeptide(L)'
_entity_poly.pdbx_seq_one_letter_code
;MHHHHHHHHSSGLVPRGSAMGSSGLSIIPPESLYKKLSNRSSSNQHLNNVTWPGGTSETPRGWVFPNNGRRLRIGVPDRA
SFKEFVSRLDGSNKVQGYAIDVFEAAVKLISYPVPHEFVLFGDGLKNPNFNEFVNNVTIGVFDAVVGDIAIVTKRTRIVD
FTQPYIESGLVVVAPVGTPIRGVDTLISSSGRVGFQVGSYAENYMIDELNIARSRLVPLGSPKEYAAALQNGTVAAIVDE
RPYVDLFLSEFCGFAIRGQEFTRSGWGFAFPRDSPLAIDMSTAILGLSETGQLQKIHDKWLSRSNCSN
;
_entity_poly.pdbx_strand_id   A
#
# COMPACT_ATOMS: atom_id res chain seq x y z
N GLY A 69 -9.38 -26.16 -11.88
CA GLY A 69 -10.37 -26.13 -10.76
C GLY A 69 -9.72 -26.19 -9.40
N ARG A 70 -8.39 -26.05 -9.32
CA ARG A 70 -7.67 -26.18 -8.03
C ARG A 70 -7.71 -24.82 -7.32
N ARG A 71 -7.56 -24.83 -6.00
CA ARG A 71 -7.64 -23.57 -5.21
C ARG A 71 -6.38 -22.76 -5.52
N LEU A 72 -6.54 -21.52 -5.96
CA LEU A 72 -5.43 -20.57 -6.13
C LEU A 72 -4.85 -20.28 -4.75
N ARG A 73 -3.54 -20.30 -4.68
CA ARG A 73 -2.79 -19.93 -3.46
C ARG A 73 -2.59 -18.42 -3.56
N ILE A 74 -3.35 -17.66 -2.78
CA ILE A 74 -3.32 -16.17 -2.87
C ILE A 74 -2.54 -15.63 -1.68
N GLY A 75 -1.41 -15.02 -1.98
CA GLY A 75 -0.61 -14.37 -0.92
C GLY A 75 -1.27 -13.08 -0.48
N VAL A 76 -1.17 -12.79 0.81
CA VAL A 76 -1.75 -11.61 1.48
C VAL A 76 -0.69 -11.07 2.41
N PRO A 77 -0.43 -9.74 2.43
CA PRO A 77 0.60 -9.19 3.30
C PRO A 77 0.20 -9.26 4.78
N ASP A 78 1.12 -9.80 5.57
CA ASP A 78 0.91 -9.95 7.03
C ASP A 78 1.28 -8.61 7.68
N ARG A 79 0.43 -7.61 7.52
CA ARG A 79 0.76 -6.24 7.95
C ARG A 79 0.86 -6.19 9.46
N ALA A 80 1.87 -5.52 9.94
CA ALA A 80 2.10 -5.27 11.37
C ALA A 80 1.45 -3.93 11.76
N SER A 81 1.24 -3.04 10.83
CA SER A 81 0.59 -1.74 11.06
C SER A 81 -0.28 -1.36 9.88
N PHE A 82 -1.07 -0.32 10.04
CA PHE A 82 -2.06 0.12 9.01
C PHE A 82 -2.87 -1.14 8.60
N LYS A 83 -3.30 -1.89 9.61
CA LYS A 83 -3.96 -3.18 9.40
C LYS A 83 -5.36 -3.03 8.76
N GLU A 84 -5.88 -1.82 8.70
CA GLU A 84 -7.20 -1.62 8.08
C GLU A 84 -7.16 -2.06 6.61
N PHE A 85 -6.02 -1.91 5.96
CA PHE A 85 -5.92 -2.27 4.52
C PHE A 85 -6.05 -3.78 4.28
N VAL A 86 -5.34 -4.56 5.10
CA VAL A 86 -5.35 -6.05 5.08
C VAL A 86 -4.51 -6.51 6.28
N SER A 87 -4.97 -7.55 6.95
CA SER A 87 -4.22 -8.11 8.09
C SER A 87 -4.78 -9.48 8.42
N ARG A 88 -4.03 -10.15 9.28
CA ARG A 88 -4.45 -11.41 9.89
C ARG A 88 -5.57 -11.04 10.87
N LEU A 89 -6.61 -11.85 10.94
CA LEU A 89 -7.68 -11.66 11.94
C LEU A 89 -7.20 -12.28 13.27
N ASP A 90 -7.03 -11.46 14.31
CA ASP A 90 -6.87 -11.94 15.73
C ASP A 90 -5.84 -13.06 15.85
N GLY A 91 -4.72 -12.99 15.11
CA GLY A 91 -3.64 -13.99 15.19
C GLY A 91 -4.01 -15.39 14.67
N SER A 92 -5.18 -15.57 14.03
CA SER A 92 -5.58 -16.83 13.34
C SER A 92 -4.83 -16.93 12.01
N ASN A 93 -5.18 -17.89 11.15
CA ASN A 93 -4.69 -17.94 9.74
C ASN A 93 -5.73 -17.29 8.82
N LYS A 94 -6.82 -16.77 9.38
CA LYS A 94 -7.84 -16.00 8.62
C LYS A 94 -7.33 -14.57 8.39
N VAL A 95 -7.91 -13.93 7.39
CA VAL A 95 -7.49 -12.56 7.01
C VAL A 95 -8.71 -11.65 6.87
N GLN A 96 -8.49 -10.34 6.95
CA GLN A 96 -9.58 -9.37 6.79
C GLN A 96 -8.99 -8.05 6.31
N GLY A 97 -9.87 -7.13 5.99
CA GLY A 97 -9.50 -5.74 5.71
C GLY A 97 -10.00 -5.29 4.37
N TYR A 98 -9.75 -4.03 4.10
CA TYR A 98 -10.20 -3.31 2.91
C TYR A 98 -9.90 -4.14 1.66
N ALA A 99 -8.65 -4.52 1.43
CA ALA A 99 -8.28 -5.22 0.17
C ALA A 99 -8.97 -6.57 0.06
N ILE A 100 -9.14 -7.27 1.17
CA ILE A 100 -9.82 -8.59 1.19
C ILE A 100 -11.28 -8.41 0.78
N ASP A 101 -11.96 -7.40 1.33
CA ASP A 101 -13.35 -7.13 0.97
C ASP A 101 -13.47 -6.81 -0.52
N VAL A 102 -12.56 -6.01 -1.05
CA VAL A 102 -12.59 -5.63 -2.48
C VAL A 102 -12.44 -6.91 -3.33
N PHE A 103 -11.47 -7.73 -2.97
CA PHE A 103 -11.18 -8.97 -3.71
C PHE A 103 -12.41 -9.88 -3.65
N GLU A 104 -12.97 -10.11 -2.46
CA GLU A 104 -14.09 -11.08 -2.35
C GLU A 104 -15.32 -10.52 -3.09
N ALA A 105 -15.55 -9.23 -3.02
CA ALA A 105 -16.69 -8.63 -3.74
C ALA A 105 -16.48 -8.83 -5.26
N ALA A 106 -15.25 -8.60 -5.72
CA ALA A 106 -14.91 -8.66 -7.17
C ALA A 106 -15.09 -10.10 -7.65
N VAL A 107 -14.59 -11.08 -6.89
CA VAL A 107 -14.69 -12.52 -7.26
C VAL A 107 -16.16 -12.87 -7.49
N LYS A 108 -17.10 -12.35 -6.73
CA LYS A 108 -18.56 -12.65 -6.96
C LYS A 108 -18.96 -12.22 -8.36
N LEU A 109 -18.28 -11.24 -8.96
CA LEU A 109 -18.72 -10.75 -10.30
C LEU A 109 -18.03 -11.54 -11.40
N ILE A 110 -17.10 -12.41 -11.11
CA ILE A 110 -16.36 -13.18 -12.14
C ILE A 110 -17.32 -14.26 -12.66
N SER A 111 -17.34 -14.52 -13.96
CA SER A 111 -18.37 -15.40 -14.56
C SER A 111 -18.11 -16.87 -14.29
N TYR A 112 -16.93 -17.23 -13.79
CA TYR A 112 -16.49 -18.61 -13.49
C TYR A 112 -16.05 -18.67 -12.04
N PRO A 113 -15.99 -19.87 -11.43
CA PRO A 113 -15.50 -19.97 -10.07
C PRO A 113 -14.01 -19.62 -9.99
N VAL A 114 -13.67 -19.00 -8.87
CA VAL A 114 -12.27 -18.72 -8.49
C VAL A 114 -12.01 -19.29 -7.10
N PRO A 115 -11.84 -20.63 -6.97
CA PRO A 115 -11.55 -21.19 -5.66
C PRO A 115 -10.18 -20.66 -5.22
N HIS A 116 -10.04 -20.37 -3.94
CA HIS A 116 -8.78 -19.79 -3.45
C HIS A 116 -8.63 -20.05 -1.97
N GLU A 117 -7.39 -19.98 -1.54
CA GLU A 117 -7.01 -19.94 -0.12
C GLU A 117 -6.02 -18.79 0.06
N PHE A 118 -6.15 -18.05 1.14
CA PHE A 118 -5.19 -16.98 1.47
C PHE A 118 -4.03 -17.52 2.28
N VAL A 119 -2.84 -17.04 1.92
CA VAL A 119 -1.53 -17.44 2.54
C VAL A 119 -0.82 -16.17 2.99
N LEU A 120 -0.61 -16.00 4.28
CA LEU A 120 0.04 -14.78 4.80
C LEU A 120 1.50 -14.76 4.40
N PHE A 121 1.98 -13.56 4.04
CA PHE A 121 3.39 -13.33 3.68
C PHE A 121 3.97 -12.25 4.60
N GLY A 122 5.06 -12.60 5.26
CA GLY A 122 5.82 -11.65 6.10
C GLY A 122 6.33 -12.34 7.35
N ASP A 123 7.19 -11.63 8.09
CA ASP A 123 7.85 -12.21 9.29
C ASP A 123 7.00 -12.06 10.54
N GLY A 124 5.87 -11.33 10.50
CA GLY A 124 5.01 -11.01 11.65
C GLY A 124 5.62 -9.98 12.61
N LEU A 125 6.74 -9.36 12.23
CA LEU A 125 7.46 -8.39 13.07
C LEU A 125 7.39 -7.00 12.43
N LYS A 126 7.41 -6.95 11.11
CA LYS A 126 7.37 -5.68 10.37
C LYS A 126 6.61 -5.91 9.07
N ASN A 127 6.09 -4.83 8.54
CA ASN A 127 5.41 -4.91 7.23
C ASN A 127 6.38 -5.53 6.23
N PRO A 128 5.83 -6.39 5.35
CA PRO A 128 6.65 -7.15 4.41
C PRO A 128 7.16 -6.29 3.26
N ASN A 129 8.18 -6.81 2.59
CA ASN A 129 8.73 -6.15 1.40
C ASN A 129 7.78 -6.42 0.24
N PHE A 130 7.14 -5.39 -0.33
CA PHE A 130 6.12 -5.61 -1.38
C PHE A 130 6.75 -6.08 -2.69
N ASN A 131 7.96 -5.63 -3.01
CA ASN A 131 8.66 -6.16 -4.20
C ASN A 131 8.86 -7.68 -4.07
N GLU A 132 9.35 -8.14 -2.92
CA GLU A 132 9.57 -9.59 -2.69
C GLU A 132 8.23 -10.32 -2.75
N PHE A 133 7.19 -9.75 -2.13
CA PHE A 133 5.85 -10.35 -2.10
C PHE A 133 5.35 -10.59 -3.52
N VAL A 134 5.43 -9.58 -4.38
CA VAL A 134 4.94 -9.69 -5.76
C VAL A 134 5.78 -10.72 -6.55
N ASN A 135 7.08 -10.78 -6.29
CA ASN A 135 8.00 -11.74 -6.94
C ASN A 135 7.58 -13.16 -6.61
N ASN A 136 6.88 -13.40 -5.49
CA ASN A 136 6.43 -14.77 -5.16
C ASN A 136 5.37 -15.26 -6.15
N VAL A 137 4.70 -14.37 -6.90
CA VAL A 137 3.84 -14.83 -8.02
C VAL A 137 4.71 -15.27 -9.18
N THR A 138 5.68 -14.46 -9.51
CA THR A 138 6.60 -14.71 -10.63
C THR A 138 7.24 -16.09 -10.47
N ILE A 139 7.64 -16.46 -9.27
CA ILE A 139 8.37 -17.75 -9.03
C ILE A 139 7.38 -18.86 -8.64
N GLY A 140 6.08 -18.60 -8.65
CA GLY A 140 5.04 -19.62 -8.50
C GLY A 140 4.73 -20.06 -7.08
N VAL A 141 5.29 -19.41 -6.07
CA VAL A 141 4.89 -19.72 -4.67
C VAL A 141 3.41 -19.37 -4.51
N PHE A 142 3.02 -18.21 -5.03
CA PHE A 142 1.60 -17.78 -5.04
C PHE A 142 1.07 -17.82 -6.49
N ASP A 143 -0.21 -18.09 -6.64
CA ASP A 143 -0.93 -18.00 -7.94
C ASP A 143 -1.35 -16.53 -8.15
N ALA A 144 -1.43 -15.77 -7.07
CA ALA A 144 -1.87 -14.36 -7.14
C ALA A 144 -1.48 -13.73 -5.83
N VAL A 145 -1.50 -12.41 -5.80
CA VAL A 145 -1.36 -11.69 -4.53
C VAL A 145 -2.44 -10.63 -4.45
N VAL A 146 -3.01 -10.51 -3.27
CA VAL A 146 -4.13 -9.60 -2.94
C VAL A 146 -3.66 -8.72 -1.78
N GLY A 147 -3.81 -7.42 -1.93
CA GLY A 147 -3.45 -6.49 -0.86
C GLY A 147 -3.33 -5.09 -1.39
N ASP A 148 -2.69 -4.30 -0.58
CA ASP A 148 -2.41 -2.86 -0.84
C ASP A 148 -1.15 -2.72 -1.66
N ILE A 149 -1.20 -3.23 -2.90
CA ILE A 149 0.02 -3.45 -3.72
C ILE A 149 0.08 -2.35 -4.77
N ALA A 150 1.13 -1.52 -4.71
CA ALA A 150 1.28 -0.41 -5.68
C ALA A 150 1.64 -0.98 -7.04
N ILE A 151 0.96 -0.48 -8.07
CA ILE A 151 1.21 -0.90 -9.48
C ILE A 151 2.41 -0.13 -10.01
N VAL A 152 3.60 -0.53 -9.66
CA VAL A 152 4.79 0.25 -10.07
C VAL A 152 5.42 -0.43 -11.26
N THR A 153 6.00 0.36 -12.14
CA THR A 153 6.44 -0.15 -13.46
C THR A 153 7.31 -1.40 -13.35
N LYS A 154 8.29 -1.45 -12.44
CA LYS A 154 9.18 -2.62 -12.34
C LYS A 154 8.37 -3.89 -12.03
N ARG A 155 7.34 -3.78 -11.21
CA ARG A 155 6.54 -4.94 -10.85
C ARG A 155 5.71 -5.39 -12.07
N THR A 156 5.24 -4.47 -12.91
CA THR A 156 4.46 -4.81 -14.13
C THR A 156 5.30 -5.59 -15.14
N ARG A 157 6.61 -5.59 -15.01
CA ARG A 157 7.50 -6.42 -15.87
C ARG A 157 7.40 -7.91 -15.46
N ILE A 158 6.97 -8.24 -14.25
CA ILE A 158 7.06 -9.63 -13.73
C ILE A 158 5.73 -10.20 -13.26
N VAL A 159 4.66 -9.39 -13.27
CA VAL A 159 3.27 -9.87 -13.01
C VAL A 159 2.34 -8.99 -13.84
N ASP A 160 1.12 -9.45 -14.01
CA ASP A 160 0.02 -8.63 -14.57
C ASP A 160 -0.88 -8.20 -13.40
N PHE A 161 -1.01 -6.90 -13.25
CA PHE A 161 -1.97 -6.27 -12.32
C PHE A 161 -3.35 -6.10 -12.96
N THR A 162 -4.35 -6.15 -12.09
CA THR A 162 -5.66 -5.54 -12.37
C THR A 162 -5.47 -4.06 -12.58
N GLN A 163 -6.45 -3.45 -13.21
CA GLN A 163 -6.63 -2.00 -13.10
C GLN A 163 -6.70 -1.68 -11.60
N PRO A 164 -6.29 -0.47 -11.23
CA PRO A 164 -6.26 -0.11 -9.82
C PRO A 164 -7.68 0.00 -9.22
N TYR A 165 -7.78 -0.37 -7.95
CA TYR A 165 -9.07 -0.30 -7.22
C TYR A 165 -9.11 0.93 -6.26
N ILE A 166 -7.98 1.60 -6.05
CA ILE A 166 -7.88 2.82 -5.22
C ILE A 166 -6.70 3.62 -5.80
N GLU A 167 -6.86 4.94 -5.76
CA GLU A 167 -5.78 5.89 -6.15
C GLU A 167 -4.69 5.84 -5.10
N SER A 168 -3.43 5.94 -5.54
CA SER A 168 -2.33 6.07 -4.57
C SER A 168 -1.16 6.71 -5.25
N GLY A 169 -0.36 7.39 -4.50
CA GLY A 169 0.93 7.90 -4.96
C GLY A 169 1.68 8.43 -3.76
N LEU A 170 2.98 8.62 -3.92
CA LEU A 170 3.87 9.08 -2.84
C LEU A 170 3.59 10.55 -2.55
N VAL A 171 3.57 10.87 -1.29
CA VAL A 171 3.53 12.26 -0.79
C VAL A 171 4.55 12.44 0.31
N VAL A 172 4.83 13.70 0.59
CA VAL A 172 5.64 14.14 1.76
C VAL A 172 4.71 14.56 2.88
N VAL A 173 4.98 14.06 4.07
CA VAL A 173 4.30 14.53 5.30
C VAL A 173 5.37 15.02 6.27
N ALA A 174 5.05 16.10 6.98
CA ALA A 174 5.98 16.78 7.93
C ALA A 174 5.19 17.54 8.97
N PRO A 175 5.86 18.06 10.01
CA PRO A 175 5.15 18.84 11.05
C PRO A 175 4.52 20.10 10.43
N VAL A 176 3.36 20.46 10.97
CA VAL A 176 2.70 21.72 10.61
C VAL A 176 3.71 22.83 10.85
N GLY A 177 3.83 23.74 9.90
CA GLY A 177 4.75 24.87 10.02
C GLY A 177 6.15 24.52 9.57
N THR A 178 6.38 23.33 9.02
CA THR A 178 7.66 23.00 8.36
C THR A 178 7.96 24.00 7.24
N PRO A 179 9.23 24.29 6.95
CA PRO A 179 9.60 24.97 5.69
C PRO A 179 9.58 24.06 4.45
N ILE A 180 9.43 22.75 4.65
CA ILE A 180 9.40 21.79 3.52
C ILE A 180 8.12 22.02 2.73
N ARG A 181 8.26 22.15 1.41
CA ARG A 181 7.14 22.46 0.48
C ARG A 181 6.73 21.22 -0.29
N GLY A 182 7.57 20.19 -0.34
CA GLY A 182 7.33 18.96 -1.12
C GLY A 182 8.63 18.24 -1.36
N VAL A 183 8.60 17.28 -2.29
CA VAL A 183 9.74 16.35 -2.45
C VAL A 183 10.93 17.15 -3.01
N ASP A 184 10.67 18.25 -3.71
CA ASP A 184 11.83 19.02 -4.25
C ASP A 184 12.61 19.68 -3.10
N THR A 185 11.95 20.06 -2.02
CA THR A 185 12.65 20.56 -0.81
C THR A 185 13.56 19.45 -0.27
N LEU A 186 13.07 18.22 -0.19
CA LEU A 186 13.89 17.09 0.30
C LEU A 186 15.09 16.82 -0.61
N ILE A 187 14.88 16.82 -1.91
CA ILE A 187 15.94 16.47 -2.87
C ILE A 187 17.11 17.44 -2.67
N SER A 188 16.82 18.71 -2.38
CA SER A 188 17.87 19.77 -2.31
C SER A 188 18.27 20.02 -0.87
N SER A 189 17.93 19.18 0.10
CA SER A 189 18.29 19.44 1.51
C SER A 189 19.03 18.25 2.13
N SER A 190 19.31 18.32 3.42
CA SER A 190 20.22 17.37 4.10
C SER A 190 19.52 16.46 5.12
N GLY A 191 18.31 16.83 5.51
CA GLY A 191 17.58 16.21 6.62
C GLY A 191 17.35 14.74 6.35
N ARG A 192 17.16 13.97 7.42
CA ARG A 192 16.78 12.55 7.28
C ARG A 192 15.31 12.46 6.84
N VAL A 193 15.01 11.41 6.08
CA VAL A 193 13.66 11.17 5.49
C VAL A 193 13.21 9.79 5.93
N GLY A 194 12.04 9.74 6.54
CA GLY A 194 11.43 8.45 6.93
C GLY A 194 10.70 7.83 5.76
N PHE A 195 10.53 6.52 5.79
CA PHE A 195 9.70 5.80 4.80
C PHE A 195 9.17 4.59 5.53
N GLN A 196 8.13 4.00 4.95
CA GLN A 196 7.49 2.79 5.51
C GLN A 196 8.31 1.57 5.11
N VAL A 197 8.76 0.82 6.13
CA VAL A 197 9.48 -0.46 5.87
C VAL A 197 8.70 -1.31 4.86
N GLY A 198 9.40 -1.76 3.82
CA GLY A 198 8.88 -2.65 2.78
C GLY A 198 8.25 -1.95 1.60
N SER A 199 8.09 -0.62 1.65
CA SER A 199 7.45 0.20 0.58
C SER A 199 8.41 0.35 -0.60
N TYR A 200 7.87 0.42 -1.81
CA TYR A 200 8.67 0.80 -2.99
C TYR A 200 9.24 2.20 -2.81
N ALA A 201 8.69 3.02 -1.93
CA ALA A 201 9.21 4.39 -1.71
C ALA A 201 10.74 4.34 -1.46
N GLU A 202 11.23 3.31 -0.79
CA GLU A 202 12.68 3.23 -0.44
C GLU A 202 13.49 3.21 -1.73
N ASN A 203 13.10 2.30 -2.63
CA ASN A 203 13.81 2.14 -3.93
C ASN A 203 13.61 3.40 -4.77
N TYR A 204 12.40 3.93 -4.76
CA TYR A 204 12.05 5.13 -5.57
C TYR A 204 12.96 6.29 -5.18
N MET A 205 13.11 6.51 -3.88
CA MET A 205 13.91 7.63 -3.39
C MET A 205 15.39 7.42 -3.76
N ILE A 206 15.92 6.22 -3.58
CA ILE A 206 17.35 5.92 -3.84
C ILE A 206 17.61 6.00 -5.35
N ASP A 207 16.75 5.35 -6.11
CA ASP A 207 17.03 5.08 -7.56
C ASP A 207 16.58 6.30 -8.34
N GLU A 208 15.28 6.53 -8.40
CA GLU A 208 14.70 7.60 -9.24
C GLU A 208 15.09 8.99 -8.73
N LEU A 209 15.08 9.26 -7.42
CA LEU A 209 15.25 10.65 -6.95
C LEU A 209 16.70 10.90 -6.53
N ASN A 210 17.51 9.84 -6.41
CA ASN A 210 18.96 9.91 -6.13
C ASN A 210 19.15 10.48 -4.73
N ILE A 211 18.21 10.24 -3.81
CA ILE A 211 18.38 10.64 -2.40
C ILE A 211 19.37 9.68 -1.76
N ALA A 212 20.34 10.22 -1.02
CA ALA A 212 21.40 9.43 -0.38
C ALA A 212 20.77 8.39 0.54
N ARG A 213 21.17 7.13 0.44
CA ARG A 213 20.65 6.02 1.28
C ARG A 213 20.86 6.38 2.76
N SER A 214 21.97 7.05 3.07
CA SER A 214 22.31 7.38 4.46
C SER A 214 21.21 8.25 5.08
N ARG A 215 20.41 8.95 4.29
CA ARG A 215 19.39 9.87 4.83
C ARG A 215 18.10 9.10 5.21
N LEU A 216 17.95 7.88 4.74
CA LEU A 216 16.63 7.17 4.85
C LEU A 216 16.51 6.43 6.18
N VAL A 217 15.35 6.52 6.81
CA VAL A 217 15.09 5.89 8.11
C VAL A 217 13.84 5.04 7.97
N PRO A 218 13.93 3.72 8.15
CA PRO A 218 12.74 2.89 8.07
C PRO A 218 11.91 3.04 9.33
N LEU A 219 10.59 3.18 9.11
CA LEU A 219 9.60 3.34 10.19
C LEU A 219 8.51 2.30 10.00
N GLY A 220 7.98 1.83 11.13
CA GLY A 220 7.09 0.66 11.11
C GLY A 220 5.61 0.92 11.23
N SER A 221 5.15 2.09 11.66
CA SER A 221 3.76 2.26 12.13
C SER A 221 3.51 3.75 12.28
N PRO A 222 2.23 4.17 12.29
CA PRO A 222 1.92 5.58 12.46
C PRO A 222 2.38 6.13 13.82
N LYS A 223 2.38 5.38 14.90
CA LYS A 223 2.96 5.88 16.17
C LYS A 223 4.43 6.21 15.97
N GLU A 224 5.18 5.37 15.24
CA GLU A 224 6.61 5.65 14.98
C GLU A 224 6.74 6.87 14.05
N TYR A 225 5.85 7.08 13.09
CA TYR A 225 5.86 8.28 12.23
C TYR A 225 5.78 9.53 13.11
N ALA A 226 4.80 9.58 14.02
CA ALA A 226 4.57 10.78 14.87
C ALA A 226 5.80 11.00 15.74
N ALA A 227 6.35 9.94 16.29
CA ALA A 227 7.49 10.04 17.22
C ALA A 227 8.69 10.59 16.48
N ALA A 228 9.00 10.02 15.31
CA ALA A 228 10.19 10.41 14.54
C ALA A 228 10.07 11.88 14.13
N LEU A 229 8.92 12.32 13.70
CA LEU A 229 8.70 13.71 13.26
C LEU A 229 8.78 14.64 14.47
N GLN A 230 8.23 14.21 15.59
CA GLN A 230 8.16 15.06 16.81
C GLN A 230 9.56 15.27 17.39
N ASN A 231 10.40 14.22 17.43
CA ASN A 231 11.72 14.21 18.10
C ASN A 231 12.77 14.65 17.08
N GLY A 232 12.39 14.92 15.82
CA GLY A 232 13.34 15.42 14.82
C GLY A 232 14.33 14.37 14.34
N THR A 233 14.06 13.08 14.52
CA THR A 233 14.97 12.03 14.00
C THR A 233 14.80 12.01 12.46
N VAL A 234 13.64 12.39 11.93
CA VAL A 234 13.49 12.69 10.48
C VAL A 234 12.87 14.09 10.32
N ALA A 235 13.18 14.75 9.21
CA ALA A 235 12.59 16.05 8.82
C ALA A 235 11.19 15.86 8.19
N ALA A 236 10.96 14.71 7.56
CA ALA A 236 9.74 14.42 6.79
C ALA A 236 9.68 12.91 6.58
N ILE A 237 8.51 12.45 6.21
CA ILE A 237 8.27 11.04 5.80
C ILE A 237 7.69 11.06 4.39
N VAL A 238 8.17 10.14 3.58
CA VAL A 238 7.60 9.88 2.24
C VAL A 238 6.87 8.56 2.34
N ASP A 239 5.59 8.56 1.99
CA ASP A 239 4.80 7.32 1.88
C ASP A 239 3.61 7.58 0.99
N GLU A 240 2.95 6.49 0.66
CA GLU A 240 1.77 6.59 -0.23
C GLU A 240 0.63 7.22 0.54
N ARG A 241 -0.20 7.95 -0.23
CA ARG A 241 -1.29 8.77 0.33
C ARG A 241 -2.20 8.00 1.25
N PRO A 242 -2.64 6.75 0.97
CA PRO A 242 -3.60 6.10 1.87
C PRO A 242 -3.05 5.91 3.29
N TYR A 243 -1.75 5.54 3.39
CA TYR A 243 -1.16 5.37 4.73
C TYR A 243 -1.07 6.74 5.41
N VAL A 244 -0.66 7.76 4.65
CA VAL A 244 -0.52 9.11 5.23
C VAL A 244 -1.91 9.58 5.67
N ASP A 245 -2.96 9.31 4.92
CA ASP A 245 -4.32 9.72 5.37
C ASP A 245 -4.70 9.03 6.68
N LEU A 246 -4.41 7.73 6.82
CA LEU A 246 -4.70 7.07 8.10
C LEU A 246 -3.86 7.68 9.22
N PHE A 247 -2.60 7.98 8.96
CA PHE A 247 -1.70 8.59 9.94
C PHE A 247 -2.31 9.92 10.43
N LEU A 248 -2.70 10.77 9.47
CA LEU A 248 -3.21 12.12 9.78
C LEU A 248 -4.58 12.02 10.46
N SER A 249 -5.29 10.92 10.32
CA SER A 249 -6.59 10.74 11.00
C SER A 249 -6.36 10.42 12.47
N GLU A 250 -5.17 9.93 12.86
CA GLU A 250 -4.91 9.43 14.21
C GLU A 250 -4.07 10.45 15.00
N PHE A 251 -3.11 11.08 14.34
CA PHE A 251 -2.03 11.88 14.96
C PHE A 251 -2.14 13.29 14.43
N CYS A 252 -2.48 14.21 15.32
CA CYS A 252 -2.67 15.60 14.90
C CYS A 252 -1.24 16.24 14.98
N GLY A 253 -1.00 17.23 14.16
CA GLY A 253 0.21 18.06 14.22
C GLY A 253 1.05 18.02 12.95
N PHE A 254 0.61 17.30 11.94
CA PHE A 254 1.35 17.04 10.70
C PHE A 254 0.48 17.41 9.52
N ALA A 255 1.12 17.56 8.37
CA ALA A 255 0.38 17.86 7.13
C ALA A 255 1.19 17.41 5.92
N ILE A 256 0.47 17.07 4.88
CA ILE A 256 1.05 16.75 3.56
C ILE A 256 1.59 18.06 3.00
N ARG A 257 2.77 17.99 2.46
CA ARG A 257 3.41 19.13 1.75
C ARG A 257 3.50 18.76 0.28
N GLY A 258 2.86 19.54 -0.60
CA GLY A 258 2.92 19.26 -2.04
C GLY A 258 1.88 18.25 -2.47
N GLN A 259 1.88 18.00 -3.76
CA GLN A 259 1.00 17.09 -4.52
C GLN A 259 1.66 15.71 -4.41
N GLU A 260 0.92 14.65 -4.73
CA GLU A 260 1.52 13.35 -5.11
C GLU A 260 2.68 13.57 -6.12
N PHE A 261 3.78 12.85 -6.00
CA PHE A 261 4.87 12.89 -6.99
C PHE A 261 5.07 11.53 -7.68
N THR A 262 4.24 10.54 -7.33
CA THR A 262 4.00 9.34 -8.17
C THR A 262 2.49 9.12 -8.24
N ARG A 263 2.00 8.32 -9.20
CA ARG A 263 0.51 8.07 -9.29
C ARG A 263 0.07 6.61 -9.41
N SER A 264 0.82 5.68 -8.90
CA SER A 264 0.50 4.24 -9.00
C SER A 264 -0.58 3.93 -7.96
N GLY A 265 -1.73 3.54 -8.41
CA GLY A 265 -2.83 2.98 -7.60
C GLY A 265 -2.46 1.61 -7.03
N TRP A 266 -3.38 1.01 -6.31
CA TRP A 266 -3.22 -0.39 -5.84
C TRP A 266 -4.02 -1.33 -6.73
N GLY A 267 -3.45 -2.51 -6.94
CA GLY A 267 -4.12 -3.56 -7.69
C GLY A 267 -3.77 -4.93 -7.14
N PHE A 268 -4.49 -5.93 -7.66
CA PHE A 268 -4.15 -7.35 -7.39
C PHE A 268 -3.28 -7.83 -8.52
N ALA A 269 -2.37 -8.74 -8.24
CA ALA A 269 -1.41 -9.23 -9.26
C ALA A 269 -1.57 -10.73 -9.50
N PHE A 270 -1.44 -11.07 -10.76
CA PHE A 270 -1.51 -12.44 -11.30
C PHE A 270 -0.29 -12.68 -12.17
N PRO A 271 -0.05 -13.95 -12.58
CA PRO A 271 1.04 -14.17 -13.51
C PRO A 271 0.87 -13.38 -14.82
N ARG A 272 2.01 -13.08 -15.44
CA ARG A 272 2.02 -12.48 -16.79
C ARG A 272 1.13 -13.31 -17.71
N ASP A 273 0.28 -12.61 -18.47
CA ASP A 273 -0.67 -13.13 -19.47
C ASP A 273 -1.85 -13.80 -18.80
N SER A 274 -2.05 -13.66 -17.48
CA SER A 274 -3.22 -14.26 -16.83
C SER A 274 -4.50 -13.59 -17.30
N PRO A 275 -5.51 -14.37 -17.75
CA PRO A 275 -6.83 -13.83 -18.04
C PRO A 275 -7.53 -13.29 -16.79
N LEU A 276 -7.23 -13.83 -15.60
CA LEU A 276 -7.92 -13.35 -14.38
C LEU A 276 -7.56 -11.88 -14.14
N ALA A 277 -6.39 -11.40 -14.51
CA ALA A 277 -6.06 -9.97 -14.24
C ALA A 277 -7.07 -9.07 -14.99
N ILE A 278 -7.46 -9.48 -16.17
CA ILE A 278 -8.37 -8.68 -17.02
C ILE A 278 -9.80 -8.89 -16.52
N ASP A 279 -10.18 -10.11 -16.21
CA ASP A 279 -11.57 -10.37 -15.76
C ASP A 279 -11.80 -9.65 -14.44
N MET A 280 -10.79 -9.66 -13.57
CA MET A 280 -10.91 -8.96 -12.28
C MET A 280 -10.97 -7.46 -12.49
N SER A 281 -10.34 -6.91 -13.53
CA SER A 281 -10.46 -5.46 -13.80
C SER A 281 -11.93 -5.13 -14.11
N THR A 282 -12.60 -5.92 -14.96
CA THR A 282 -14.03 -5.66 -15.26
C THR A 282 -14.83 -5.78 -13.96
N ALA A 283 -14.51 -6.72 -13.08
CA ALA A 283 -15.26 -6.91 -11.82
C ALA A 283 -15.04 -5.69 -10.93
N ILE A 284 -13.78 -5.24 -10.79
CA ILE A 284 -13.48 -4.00 -10.01
C ILE A 284 -14.26 -2.81 -10.58
N LEU A 285 -14.31 -2.70 -11.91
CA LEU A 285 -15.05 -1.62 -12.55
C LEU A 285 -16.54 -1.72 -12.19
N GLY A 286 -17.06 -2.94 -12.16
CA GLY A 286 -18.45 -3.17 -11.75
C GLY A 286 -18.70 -2.64 -10.35
N LEU A 287 -17.82 -3.00 -9.43
CA LEU A 287 -17.92 -2.52 -8.04
C LEU A 287 -17.91 -1.00 -7.99
N SER A 288 -17.06 -0.36 -8.78
CA SER A 288 -16.99 1.12 -8.80
C SER A 288 -18.34 1.65 -9.28
N GLU A 289 -18.87 1.07 -10.31
CA GLU A 289 -20.06 1.64 -10.99
C GLU A 289 -21.28 1.47 -10.10
N THR A 290 -21.36 0.43 -9.29
CA THR A 290 -22.54 0.20 -8.42
C THR A 290 -22.42 1.00 -7.12
N GLY A 291 -21.25 1.55 -6.79
CA GLY A 291 -21.01 2.25 -5.51
C GLY A 291 -20.49 1.35 -4.43
N GLN A 292 -20.37 0.05 -4.70
CA GLN A 292 -19.87 -0.93 -3.71
C GLN A 292 -18.43 -0.60 -3.34
N LEU A 293 -17.58 -0.22 -4.30
CA LEU A 293 -16.17 0.09 -4.02
C LEU A 293 -16.07 1.23 -3.02
N GLN A 294 -16.84 2.29 -3.18
CA GLN A 294 -16.88 3.41 -2.20
C GLN A 294 -17.37 2.92 -0.83
N LYS A 295 -18.42 2.11 -0.79
CA LYS A 295 -18.92 1.61 0.51
C LYS A 295 -17.89 0.77 1.23
N ILE A 296 -17.08 0.00 0.52
CA ILE A 296 -16.01 -0.80 1.15
C ILE A 296 -14.95 0.17 1.73
N HIS A 297 -14.59 1.21 1.02
CA HIS A 297 -13.69 2.27 1.54
C HIS A 297 -14.30 2.85 2.81
N ASP A 298 -15.58 3.17 2.77
CA ASP A 298 -16.25 3.80 3.93
C ASP A 298 -16.19 2.88 5.12
N LYS A 299 -16.35 1.57 4.93
CA LYS A 299 -16.34 0.60 6.03
C LYS A 299 -15.01 0.66 6.79
N TRP A 300 -13.91 0.68 6.06
CA TRP A 300 -12.56 0.47 6.64
C TRP A 300 -11.82 1.76 6.91
N LEU A 301 -12.06 2.83 6.15
CA LEU A 301 -11.05 3.91 6.06
C LEU A 301 -11.68 5.28 6.21
N SER A 302 -12.79 5.43 6.91
CA SER A 302 -13.36 6.79 7.05
C SER A 302 -13.18 7.40 8.45
N ARG A 303 -12.75 6.70 9.51
CA ARG A 303 -12.63 7.34 10.86
C ARG A 303 -11.56 8.45 10.86
N SER A 304 -11.81 9.62 11.51
CA SER A 304 -10.78 10.67 11.70
C SER A 304 -10.94 11.37 13.05
N ASN A 305 -9.83 11.68 13.71
CA ASN A 305 -9.81 12.41 15.00
C ASN A 305 -9.25 13.82 14.74
N CYS A 306 -9.05 14.16 13.47
CA CYS A 306 -8.31 15.40 13.09
C CYS A 306 -9.18 16.22 12.10
N SER A 307 -9.21 17.53 12.32
CA SER A 307 -9.71 18.61 11.42
C SER A 307 -8.58 19.07 10.53
N ASN A 308 -7.78 19.95 11.14
CA ASN A 308 -6.86 20.96 10.56
C ASN A 308 -6.62 20.66 9.08
#